data_3A1I
#
_entry.id   3A1I
#
_cell.length_a   92.272
_cell.length_b   92.272
_cell.length_c   161.799
_cell.angle_alpha   90.00
_cell.angle_beta   90.00
_cell.angle_gamma   90.00
#
_symmetry.space_group_name_H-M   'P 41 21 2'
#
loop_
_entity.id
_entity.type
_entity.pdbx_description
1 polymer Amidase
2 non-polymer BENZAMIDE
3 water water
#
_entity_poly.entity_id   1
_entity_poly.type   'polypeptide(L)'
_entity_poly.pdbx_seq_one_letter_code
;MATIRPDDKAIDAAARHYGITLDKTARLEWPALIDGALGSYDVVDQLYADEATPPTTSREHAVPSASENPLSAWYVTTSI
PPTSDGVLTGRRVAIKDNVTVAGVPMMNGSRTVEGFTPSRDATVVTRLLAAGATVAGKAVCEDLCFSGSSFTPASGPVRN
PWDRQREAGGSSGGSAALVANGDVDFAIGGDQGGAIRIPAAFCGVVGHKPTFGLVPYTGAFPIERTIDHLGPITRTVHDA
ALMLSVIAGRDGNDPRQADSVEAGDYLSTLDSDVDGLRIGIVREGFGHAVSQPEVDDAVRAAAHSLTEIGCTVEEVNIPW
HLHAFHIWNVIATDGGAYQMLDGNGYGMNAEGLYDPELMAHFASRRIQHADALSETVKLVALTGHHGITTLGGASYGKAR
NLVPLARAAYDTALRQFDVLVMPTLPYVASELPAKDVDRATFITKALGMIANTAPFDVTGHPSLSVPAGLVNGLPVGMMI
TGRHFDDATVLRVGRAFEKLRGAFPTPAERASNSAPQLSPA
;
_entity_poly.pdbx_strand_id   A
#
# COMPACT_ATOMS: atom_id res chain seq x y z
N ALA A 2 -5.45 -9.79 35.09
CA ALA A 2 -6.51 -10.67 34.53
C ALA A 2 -7.21 -9.98 33.36
N THR A 3 -7.69 -10.78 32.42
CA THR A 3 -8.38 -10.28 31.24
C THR A 3 -9.76 -9.76 31.62
N ILE A 4 -10.13 -8.62 31.05
CA ILE A 4 -11.43 -8.04 31.31
C ILE A 4 -12.56 -8.98 30.90
N ARG A 5 -13.55 -9.15 31.77
CA ARG A 5 -14.70 -10.00 31.48
C ARG A 5 -15.82 -9.12 30.93
N PRO A 6 -16.78 -9.71 30.20
CA PRO A 6 -17.89 -8.92 29.66
C PRO A 6 -19.04 -8.84 30.68
N ASP A 7 -19.86 -7.81 30.59
CA ASP A 7 -20.99 -7.68 31.51
C ASP A 7 -22.23 -8.31 30.86
N ASP A 8 -23.30 -8.45 31.64
CA ASP A 8 -24.52 -9.07 31.12
C ASP A 8 -25.07 -8.41 29.86
N LYS A 9 -24.91 -7.09 29.76
CA LYS A 9 -25.41 -6.37 28.60
C LYS A 9 -24.64 -6.82 27.35
N ALA A 10 -23.31 -6.94 27.52
CA ALA A 10 -22.42 -7.37 26.45
C ALA A 10 -22.71 -8.82 26.06
N ILE A 11 -22.93 -9.66 27.06
CA ILE A 11 -23.24 -11.07 26.82
C ILE A 11 -24.52 -11.17 26.00
N ASP A 12 -25.50 -10.35 26.33
CA ASP A 12 -26.77 -10.35 25.60
C ASP A 12 -26.57 -9.85 24.19
N ALA A 13 -25.78 -8.79 24.05
CA ALA A 13 -25.49 -8.23 22.74
C ALA A 13 -24.79 -9.29 21.90
N ALA A 14 -23.88 -10.03 22.52
CA ALA A 14 -23.15 -11.08 21.80
C ALA A 14 -24.10 -12.15 21.30
N ALA A 15 -24.98 -12.59 22.20
CA ALA A 15 -25.97 -13.60 21.86
C ALA A 15 -26.87 -13.13 20.72
N ARG A 16 -27.32 -11.89 20.78
CA ARG A 16 -28.18 -11.35 19.74
C ARG A 16 -27.44 -11.29 18.41
N HIS A 17 -26.13 -11.05 18.48
CA HIS A 17 -25.30 -10.98 17.28
C HIS A 17 -25.37 -12.27 16.48
N TYR A 18 -25.46 -13.40 17.18
CA TYR A 18 -25.52 -14.69 16.50
C TYR A 18 -26.93 -15.24 16.35
N GLY A 19 -27.92 -14.46 16.78
CA GLY A 19 -29.29 -14.91 16.68
C GLY A 19 -29.66 -15.84 17.81
N ILE A 20 -28.80 -15.91 18.83
CA ILE A 20 -29.05 -16.78 19.97
C ILE A 20 -29.92 -16.04 21.00
N THR A 21 -30.96 -16.70 21.50
CA THR A 21 -31.84 -16.10 22.50
C THR A 21 -31.64 -16.79 23.84
N LEU A 22 -31.20 -16.01 24.82
CA LEU A 22 -30.95 -16.52 26.15
C LEU A 22 -32.18 -16.43 27.03
N ASP A 23 -32.49 -17.51 27.73
CA ASP A 23 -33.62 -17.47 28.61
C ASP A 23 -33.21 -16.78 29.93
N LYS A 24 -33.91 -17.11 30.99
CA LYS A 24 -33.62 -16.50 32.27
C LYS A 24 -32.49 -17.23 32.98
N THR A 25 -32.42 -18.53 32.79
CA THR A 25 -31.38 -19.33 33.42
C THR A 25 -30.07 -19.25 32.66
N ALA A 26 -30.15 -19.02 31.35
CA ALA A 26 -28.98 -18.90 30.50
C ALA A 26 -28.25 -17.62 30.88
N ARG A 27 -29.01 -16.54 31.00
CA ARG A 27 -28.47 -15.23 31.37
C ARG A 27 -27.79 -15.31 32.74
N LEU A 28 -28.15 -16.33 33.49
CA LEU A 28 -27.61 -16.51 34.83
C LEU A 28 -26.36 -17.39 34.87
N GLU A 29 -26.26 -18.34 33.95
CA GLU A 29 -25.12 -19.25 33.94
C GLU A 29 -23.92 -18.85 33.09
N TRP A 30 -24.18 -18.35 31.88
CA TRP A 30 -23.11 -17.97 30.97
C TRP A 30 -21.95 -17.19 31.58
N PRO A 31 -22.24 -16.16 32.39
CA PRO A 31 -21.18 -15.37 33.02
C PRO A 31 -20.04 -16.21 33.61
N ALA A 32 -20.40 -17.14 34.50
CA ALA A 32 -19.42 -18.00 35.15
C ALA A 32 -18.68 -18.87 34.14
N LEU A 33 -19.40 -19.34 33.12
CA LEU A 33 -18.80 -20.20 32.10
C LEU A 33 -17.84 -19.41 31.22
N ILE A 34 -18.27 -18.22 30.81
CA ILE A 34 -17.42 -17.37 29.99
C ILE A 34 -16.19 -17.02 30.81
N ASP A 35 -16.41 -16.76 32.10
CA ASP A 35 -15.31 -16.41 32.99
C ASP A 35 -14.31 -17.56 33.05
N GLY A 36 -14.82 -18.78 33.06
CA GLY A 36 -13.95 -19.94 33.10
C GLY A 36 -13.13 -20.00 31.81
N ALA A 37 -13.79 -19.77 30.69
CA ALA A 37 -13.12 -19.80 29.40
C ALA A 37 -12.05 -18.71 29.36
N LEU A 38 -12.37 -17.55 29.90
CA LEU A 38 -11.42 -16.44 29.89
C LEU A 38 -10.19 -16.74 30.75
N GLY A 39 -10.25 -17.84 31.49
CA GLY A 39 -9.11 -18.23 32.31
C GLY A 39 -7.89 -18.46 31.43
N SER A 40 -8.10 -18.94 30.21
CA SER A 40 -6.99 -19.19 29.29
C SER A 40 -6.42 -17.86 28.79
N TYR A 41 -7.30 -16.87 28.66
CA TYR A 41 -6.88 -15.55 28.23
C TYR A 41 -5.99 -14.93 29.30
N ASP A 42 -6.32 -15.19 30.56
CA ASP A 42 -5.54 -14.67 31.68
C ASP A 42 -4.12 -15.22 31.57
N VAL A 43 -4.02 -16.52 31.29
CA VAL A 43 -2.72 -17.18 31.17
C VAL A 43 -1.94 -16.61 29.99
N VAL A 44 -2.64 -16.37 28.88
CA VAL A 44 -1.98 -15.81 27.70
C VAL A 44 -1.47 -14.41 28.05
N ASP A 45 -2.29 -13.66 28.78
CA ASP A 45 -1.89 -12.31 29.20
C ASP A 45 -0.61 -12.37 30.01
N GLN A 46 -0.56 -13.29 30.98
CA GLN A 46 0.61 -13.44 31.84
C GLN A 46 1.85 -13.89 31.08
N LEU A 47 1.71 -14.93 30.27
CA LEU A 47 2.84 -15.45 29.49
C LEU A 47 3.36 -14.36 28.56
N TYR A 48 2.44 -13.63 27.94
CA TYR A 48 2.81 -12.57 27.01
C TYR A 48 3.59 -11.47 27.73
N ALA A 49 3.18 -11.15 28.94
CA ALA A 49 3.85 -10.10 29.71
C ALA A 49 5.24 -10.54 30.15
N ASP A 50 5.38 -11.82 30.47
CA ASP A 50 6.66 -12.34 30.92
C ASP A 50 7.58 -12.81 29.82
N GLU A 51 7.07 -12.96 28.59
CA GLU A 51 7.94 -13.49 27.54
C GLU A 51 7.91 -12.92 26.13
N ALA A 52 6.81 -12.27 25.74
CA ALA A 52 6.72 -11.71 24.39
C ALA A 52 6.42 -10.22 24.36
N THR A 53 6.84 -9.50 25.40
CA THR A 53 6.63 -8.07 25.45
C THR A 53 7.86 -7.39 24.87
N PRO A 54 7.72 -6.74 23.70
CA PRO A 54 8.85 -6.05 23.06
C PRO A 54 9.48 -5.00 23.96
N PRO A 55 10.82 -4.89 23.94
CA PRO A 55 11.57 -3.91 24.75
C PRO A 55 11.10 -2.48 24.51
N THR A 56 11.52 -1.57 25.40
CA THR A 56 11.16 -0.16 25.27
C THR A 56 12.15 0.53 24.34
N THR A 57 11.77 1.71 23.84
CA THR A 57 12.62 2.45 22.93
C THR A 57 12.68 3.95 23.26
N SER A 58 13.83 4.57 22.97
CA SER A 58 14.03 5.99 23.24
C SER A 58 14.59 6.69 22.01
N ARG A 59 13.68 7.14 21.13
CA ARG A 59 14.07 7.85 19.93
C ARG A 59 13.35 9.20 19.95
N GLU A 60 13.95 10.19 19.31
CA GLU A 60 13.35 11.51 19.27
C GLU A 60 12.59 11.75 17.98
N HIS A 61 11.64 12.67 18.03
CA HIS A 61 10.85 13.04 16.87
C HIS A 61 10.32 14.44 17.11
N ALA A 62 9.84 15.09 16.07
CA ALA A 62 9.32 16.43 16.20
C ALA A 62 8.23 16.69 15.18
N VAL A 63 7.27 17.53 15.54
CA VAL A 63 6.21 17.87 14.62
C VAL A 63 6.75 19.10 13.90
N PRO A 64 7.07 18.96 12.60
CA PRO A 64 7.59 20.10 11.85
C PRO A 64 6.62 21.26 11.80
N SER A 65 7.16 22.47 11.70
CA SER A 65 6.32 23.66 11.64
C SER A 65 5.80 23.73 10.20
N ALA A 66 4.69 24.44 10.02
CA ALA A 66 4.09 24.57 8.69
C ALA A 66 5.15 25.00 7.68
N SER A 67 6.15 25.72 8.15
CA SER A 67 7.23 26.19 7.29
C SER A 67 8.13 25.05 6.84
N GLU A 68 8.45 24.15 7.76
CA GLU A 68 9.32 23.03 7.43
C GLU A 68 8.52 21.81 6.95
N ASN A 69 7.24 22.03 6.67
CA ASN A 69 6.34 20.98 6.18
C ASN A 69 5.45 21.62 5.11
N PRO A 70 6.07 22.29 4.11
CA PRO A 70 5.39 22.97 2.99
C PRO A 70 4.33 22.19 2.21
N LEU A 71 4.54 20.89 2.06
CA LEU A 71 3.60 20.07 1.31
C LEU A 71 2.67 19.23 2.21
N SER A 72 2.81 19.38 3.52
CA SER A 72 2.00 18.62 4.46
C SER A 72 2.23 17.13 4.26
N ALA A 73 3.42 16.80 3.74
CA ALA A 73 3.78 15.41 3.48
C ALA A 73 4.34 14.69 4.72
N TRP A 74 4.82 15.45 5.70
CA TRP A 74 5.37 14.87 6.94
C TRP A 74 4.32 14.79 8.03
N TYR A 75 4.43 13.76 8.87
CA TYR A 75 3.55 13.62 10.02
C TYR A 75 4.45 14.10 11.15
N VAL A 76 5.61 13.46 11.28
CA VAL A 76 6.62 13.81 12.27
C VAL A 76 7.99 13.54 11.64
N THR A 77 8.99 14.29 12.09
CA THR A 77 10.34 14.13 11.57
C THR A 77 11.22 13.46 12.61
N THR A 78 12.28 12.80 12.15
CA THR A 78 13.20 12.10 13.04
C THR A 78 14.58 12.08 12.41
N SER A 79 15.53 11.48 13.14
CA SER A 79 16.87 11.32 12.63
C SER A 79 17.40 10.07 13.30
N ILE A 80 16.87 8.93 12.86
CA ILE A 80 17.26 7.65 13.42
C ILE A 80 18.45 7.14 12.62
N PRO A 81 19.63 7.07 13.27
CA PRO A 81 20.88 6.61 12.63
C PRO A 81 20.93 5.14 12.30
N PRO A 82 21.69 4.80 11.23
CA PRO A 82 21.82 3.40 10.83
C PRO A 82 22.57 2.62 11.91
N THR A 83 22.33 1.31 11.96
CA THR A 83 22.99 0.46 12.94
C THR A 83 24.27 -0.12 12.35
N SER A 84 24.41 -0.04 11.03
CA SER A 84 25.58 -0.53 10.32
C SER A 84 25.72 0.26 9.03
N ASP A 85 26.92 0.26 8.46
CA ASP A 85 27.16 0.97 7.22
C ASP A 85 26.81 0.02 6.09
N GLY A 86 26.39 0.56 4.94
CA GLY A 86 26.04 -0.31 3.85
C GLY A 86 25.73 0.44 2.56
N VAL A 87 25.02 -0.23 1.65
CA VAL A 87 24.67 0.36 0.36
C VAL A 87 23.80 1.61 0.42
N LEU A 88 23.28 1.96 1.60
CA LEU A 88 22.44 3.15 1.72
C LEU A 88 23.07 4.25 2.57
N THR A 89 24.28 4.01 3.08
CA THR A 89 24.98 4.98 3.91
C THR A 89 24.95 6.38 3.31
N GLY A 90 24.58 7.34 4.13
CA GLY A 90 24.52 8.71 3.66
C GLY A 90 23.20 9.10 3.02
N ARG A 91 22.25 8.16 2.94
CA ARG A 91 20.94 8.46 2.35
C ARG A 91 19.85 8.51 3.44
N ARG A 92 18.79 9.27 3.17
CA ARG A 92 17.70 9.39 4.13
C ARG A 92 16.46 8.73 3.55
N VAL A 93 15.62 8.18 4.42
CA VAL A 93 14.41 7.52 3.95
C VAL A 93 13.21 7.93 4.79
N ALA A 94 12.09 8.17 4.12
CA ALA A 94 10.87 8.53 4.81
C ALA A 94 10.07 7.23 4.89
N ILE A 95 9.43 6.99 6.03
CA ILE A 95 8.64 5.77 6.21
C ILE A 95 7.14 6.11 6.25
N LYS A 96 6.35 5.46 5.41
CA LYS A 96 4.90 5.68 5.35
C LYS A 96 4.32 5.48 6.75
N ASP A 97 3.42 6.36 7.16
CA ASP A 97 2.85 6.30 8.50
C ASP A 97 2.09 5.04 8.91
N ASN A 98 1.81 4.14 7.98
CA ASN A 98 1.11 2.91 8.33
C ASN A 98 2.14 1.86 8.76
N VAL A 99 3.42 2.23 8.68
CA VAL A 99 4.52 1.31 9.01
C VAL A 99 5.16 1.70 10.34
N THR A 100 5.19 0.76 11.28
CA THR A 100 5.74 1.04 12.59
C THR A 100 7.25 1.29 12.68
N VAL A 101 7.59 2.30 13.47
CA VAL A 101 8.96 2.67 13.75
C VAL A 101 8.93 2.83 15.26
N ALA A 102 9.48 1.86 15.97
CA ALA A 102 9.49 1.86 17.43
C ALA A 102 9.83 3.22 18.05
N GLY A 103 9.08 3.56 19.10
CA GLY A 103 9.32 4.80 19.79
C GLY A 103 8.85 6.05 19.08
N VAL A 104 8.19 5.89 17.94
CA VAL A 104 7.72 7.04 17.17
C VAL A 104 6.21 6.98 16.96
N PRO A 105 5.51 8.12 17.11
CA PRO A 105 4.07 8.18 16.92
C PRO A 105 3.65 7.80 15.50
N MET A 106 2.39 7.38 15.36
CA MET A 106 1.85 7.02 14.06
C MET A 106 0.32 7.04 14.12
N MET A 107 -0.30 7.38 13.00
CA MET A 107 -1.75 7.48 12.92
C MET A 107 -2.34 6.92 11.63
N ASN A 108 -1.49 6.56 10.67
CA ASN A 108 -1.96 6.03 9.38
C ASN A 108 -3.02 6.97 8.79
N GLY A 109 -2.68 8.26 8.77
CA GLY A 109 -3.54 9.30 8.25
C GLY A 109 -4.99 9.25 8.71
N SER A 110 -5.23 8.60 9.84
CA SER A 110 -6.58 8.48 10.37
C SER A 110 -6.73 8.92 11.82
N ARG A 111 -7.89 9.48 12.15
CA ARG A 111 -8.17 9.94 13.51
C ARG A 111 -8.36 8.73 14.42
N THR A 112 -8.69 7.59 13.82
CA THR A 112 -8.93 6.36 14.57
C THR A 112 -7.65 5.67 15.04
N VAL A 113 -6.49 6.26 14.74
CA VAL A 113 -5.21 5.67 15.13
C VAL A 113 -4.28 6.71 15.76
N GLU A 114 -4.44 7.97 15.36
CA GLU A 114 -3.61 9.04 15.88
C GLU A 114 -3.44 8.92 17.39
N GLY A 115 -2.19 8.97 17.84
CA GLY A 115 -1.91 8.84 19.26
C GLY A 115 -1.19 7.55 19.61
N PHE A 116 -1.02 6.67 18.63
CA PHE A 116 -0.34 5.40 18.88
C PHE A 116 1.17 5.46 18.67
N THR A 117 1.90 4.88 19.61
CA THR A 117 3.36 4.81 19.53
C THR A 117 3.76 3.34 19.66
N PRO A 118 4.10 2.70 18.51
CA PRO A 118 4.51 1.29 18.42
C PRO A 118 5.76 0.93 19.21
N SER A 119 5.89 -0.36 19.52
CA SER A 119 7.03 -0.87 20.27
C SER A 119 8.00 -1.66 19.39
N ARG A 120 7.59 -1.96 18.16
CA ARG A 120 8.43 -2.73 17.26
C ARG A 120 8.73 -1.95 15.99
N ASP A 121 9.86 -2.29 15.37
CA ASP A 121 10.24 -1.68 14.10
C ASP A 121 9.80 -2.70 13.05
N ALA A 122 9.14 -2.23 11.99
CA ALA A 122 8.73 -3.13 10.91
C ALA A 122 10.03 -3.73 10.38
N THR A 123 9.95 -4.89 9.73
CA THR A 123 11.16 -5.52 9.22
C THR A 123 11.91 -4.68 8.20
N VAL A 124 11.18 -4.01 7.30
CA VAL A 124 11.85 -3.18 6.30
C VAL A 124 12.61 -2.05 6.96
N VAL A 125 12.08 -1.54 8.08
CA VAL A 125 12.74 -0.45 8.79
C VAL A 125 14.08 -0.93 9.33
N THR A 126 14.07 -2.12 9.92
CA THR A 126 15.28 -2.70 10.48
C THR A 126 16.31 -2.96 9.38
N ARG A 127 15.86 -3.46 8.23
CA ARG A 127 16.78 -3.74 7.13
C ARG A 127 17.37 -2.47 6.55
N LEU A 128 16.59 -1.41 6.46
CA LEU A 128 17.08 -0.13 5.93
C LEU A 128 18.18 0.41 6.82
N LEU A 129 17.95 0.40 8.13
CA LEU A 129 18.92 0.88 9.10
C LEU A 129 20.21 0.05 9.08
N ALA A 130 20.09 -1.24 8.86
CA ALA A 130 21.27 -2.11 8.82
C ALA A 130 21.99 -1.99 7.48
N ALA A 131 21.46 -1.16 6.59
CA ALA A 131 22.09 -0.97 5.28
C ALA A 131 22.73 0.42 5.20
N GLY A 132 22.67 1.16 6.29
CA GLY A 132 23.28 2.48 6.32
C GLY A 132 22.35 3.67 6.18
N ALA A 133 21.06 3.42 5.99
CA ALA A 133 20.12 4.51 5.83
C ALA A 133 19.80 5.20 7.14
N THR A 134 19.38 6.46 7.04
CA THR A 134 18.97 7.24 8.19
C THR A 134 17.47 7.48 8.00
N VAL A 135 16.66 7.00 8.94
CA VAL A 135 15.21 7.20 8.86
C VAL A 135 14.92 8.65 9.22
N ALA A 136 14.46 9.40 8.24
CA ALA A 136 14.18 10.83 8.41
C ALA A 136 12.81 11.18 8.94
N GLY A 137 11.92 10.18 9.05
CA GLY A 137 10.59 10.45 9.58
C GLY A 137 9.45 9.61 9.01
N LYS A 138 8.24 9.92 9.46
CA LYS A 138 7.05 9.22 9.01
C LYS A 138 6.27 10.11 8.02
N ALA A 139 5.95 9.56 6.85
CA ALA A 139 5.23 10.30 5.82
C ALA A 139 3.73 10.05 5.88
N VAL A 140 2.97 11.13 5.85
CA VAL A 140 1.51 11.04 5.88
C VAL A 140 0.93 10.14 4.77
N CYS A 141 -0.07 9.33 5.12
CA CYS A 141 -0.72 8.46 4.16
C CYS A 141 -2.23 8.64 4.29
N GLU A 142 -2.98 8.31 3.24
CA GLU A 142 -4.43 8.45 3.24
C GLU A 142 -5.07 7.81 4.47
N ASP A 143 -6.28 8.26 4.79
CA ASP A 143 -7.00 7.74 5.94
C ASP A 143 -7.12 6.22 5.82
N LEU A 144 -6.36 5.51 6.64
CA LEU A 144 -6.34 4.06 6.62
C LEU A 144 -6.02 3.53 5.23
N CYS A 145 -5.34 4.37 4.44
CA CYS A 145 -4.90 4.04 3.08
C CYS A 145 -5.95 3.67 2.03
N PHE A 146 -7.24 3.75 2.35
CA PHE A 146 -8.23 3.40 1.34
C PHE A 146 -8.58 4.60 0.46
N SER A 147 -7.58 5.09 -0.27
CA SER A 147 -7.76 6.23 -1.16
C SER A 147 -6.64 6.31 -2.20
N GLY A 148 -7.02 6.54 -3.45
CA GLY A 148 -6.06 6.65 -4.53
C GLY A 148 -5.62 8.08 -4.77
N SER A 149 -6.12 9.00 -3.96
CA SER A 149 -5.78 10.42 -4.06
C SER A 149 -5.03 10.87 -2.81
N SER A 150 -4.95 12.18 -2.58
CA SER A 150 -4.25 12.68 -1.40
C SER A 150 -5.06 13.61 -0.50
N PHE A 151 -6.38 13.52 -0.54
CA PHE A 151 -7.20 14.41 0.28
C PHE A 151 -7.95 13.76 1.45
N THR A 152 -7.64 12.49 1.75
CA THR A 152 -8.31 11.83 2.86
C THR A 152 -7.54 11.83 4.18
N PRO A 153 -6.27 12.28 4.18
CA PRO A 153 -5.54 12.29 5.46
C PRO A 153 -6.20 13.24 6.46
N ALA A 154 -6.39 12.76 7.69
CA ALA A 154 -7.01 13.57 8.74
C ALA A 154 -6.17 14.80 9.08
N SER A 155 -4.88 14.73 8.76
CA SER A 155 -3.96 15.82 9.03
C SER A 155 -3.93 16.84 7.88
N GLY A 156 -4.76 16.61 6.88
CA GLY A 156 -4.82 17.51 5.74
C GLY A 156 -4.34 16.87 4.45
N PRO A 157 -4.54 17.52 3.30
CA PRO A 157 -4.11 16.99 2.00
C PRO A 157 -2.65 17.28 1.67
N VAL A 158 -2.00 16.31 1.01
CA VAL A 158 -0.61 16.45 0.61
C VAL A 158 -0.58 17.17 -0.74
N ARG A 159 0.20 18.23 -0.84
CA ARG A 159 0.30 19.00 -2.07
C ARG A 159 1.40 18.45 -2.97
N ASN A 160 1.11 18.36 -4.27
CA ASN A 160 2.06 17.86 -5.24
C ASN A 160 3.16 18.91 -5.42
N PRO A 161 4.43 18.50 -5.35
CA PRO A 161 5.52 19.47 -5.52
C PRO A 161 5.60 20.07 -6.94
N TRP A 162 4.82 19.54 -7.87
CA TRP A 162 4.82 20.05 -9.23
C TRP A 162 3.78 21.17 -9.38
N ASP A 163 2.81 21.16 -8.48
CA ASP A 163 1.73 22.14 -8.47
C ASP A 163 1.07 21.99 -7.11
N ARG A 164 1.40 22.88 -6.18
CA ARG A 164 0.85 22.80 -4.83
C ARG A 164 -0.66 22.97 -4.72
N GLN A 165 -1.34 22.99 -5.87
CA GLN A 165 -2.79 23.13 -5.89
C GLN A 165 -3.39 21.79 -6.31
N ARG A 166 -2.54 20.92 -6.83
CA ARG A 166 -2.98 19.60 -7.28
C ARG A 166 -2.55 18.47 -6.35
N GLU A 167 -3.31 17.39 -6.43
CA GLU A 167 -3.09 16.20 -5.60
C GLU A 167 -1.70 15.58 -5.78
N ALA A 168 -1.20 14.95 -4.73
CA ALA A 168 0.11 14.32 -4.75
C ALA A 168 -0.13 12.82 -5.01
N GLY A 169 -1.41 12.49 -5.00
CA GLY A 169 -1.85 11.12 -5.22
C GLY A 169 -1.98 10.33 -3.92
N GLY A 170 -2.07 9.02 -4.00
CA GLY A 170 -2.16 8.29 -2.75
C GLY A 170 -2.56 6.85 -2.97
N SER A 171 -2.45 6.00 -1.95
CA SER A 171 -2.35 6.49 -0.48
C SER A 171 -1.07 6.87 0.12
N SER A 172 0.04 6.65 -0.60
CA SER A 172 1.40 7.00 -0.16
C SER A 172 1.74 8.38 -0.71
N GLY A 173 0.75 9.28 -0.71
CA GLY A 173 0.94 10.61 -1.22
C GLY A 173 2.14 11.31 -0.60
N GLY A 174 2.17 11.34 0.74
CA GLY A 174 3.26 11.96 1.44
C GLY A 174 4.63 11.44 1.04
N SER A 175 4.78 10.12 0.97
CA SER A 175 6.06 9.53 0.59
C SER A 175 6.56 10.05 -0.76
N ALA A 176 5.73 9.96 -1.78
CA ALA A 176 6.11 10.42 -3.12
C ALA A 176 6.45 11.91 -3.14
N ALA A 177 5.64 12.72 -2.46
CA ALA A 177 5.87 14.16 -2.43
C ALA A 177 7.26 14.47 -1.87
N LEU A 178 7.57 13.87 -0.74
CA LEU A 178 8.87 14.07 -0.10
C LEU A 178 10.01 13.67 -1.03
N VAL A 179 9.84 12.55 -1.72
CA VAL A 179 10.87 12.07 -2.63
C VAL A 179 10.99 13.01 -3.82
N ALA A 180 9.86 13.38 -4.40
CA ALA A 180 9.85 14.27 -5.55
C ALA A 180 10.42 15.63 -5.19
N ASN A 181 10.06 16.12 -4.01
CA ASN A 181 10.51 17.43 -3.55
C ASN A 181 11.97 17.44 -3.11
N GLY A 182 12.58 16.27 -3.00
CA GLY A 182 13.98 16.19 -2.60
C GLY A 182 14.23 16.25 -1.10
N ASP A 183 13.19 16.08 -0.31
CA ASP A 183 13.34 16.12 1.15
C ASP A 183 14.02 14.83 1.65
N VAL A 184 13.86 13.75 0.91
CA VAL A 184 14.49 12.48 1.25
C VAL A 184 14.89 11.80 -0.06
N ASP A 185 15.76 10.81 0.05
CA ASP A 185 16.25 10.08 -1.10
C ASP A 185 15.30 8.94 -1.47
N PHE A 186 14.74 8.29 -0.46
CA PHE A 186 13.82 7.19 -0.69
C PHE A 186 12.67 7.21 0.30
N ALA A 187 11.69 6.36 0.04
CA ALA A 187 10.55 6.25 0.92
C ALA A 187 9.97 4.85 0.81
N ILE A 188 9.39 4.39 1.91
CA ILE A 188 8.75 3.10 1.92
C ILE A 188 7.26 3.42 1.80
N GLY A 189 6.63 2.84 0.79
CA GLY A 189 5.20 3.04 0.58
C GLY A 189 4.48 1.71 0.61
N GLY A 190 3.16 1.76 0.77
CA GLY A 190 2.36 0.55 0.79
C GLY A 190 1.49 0.60 -0.45
N ASP A 191 1.05 -0.57 -0.93
CA ASP A 191 0.22 -0.65 -2.12
C ASP A 191 -0.80 -1.78 -1.97
N GLN A 192 -2.08 -1.42 -1.99
CA GLN A 192 -3.19 -2.37 -1.89
C GLN A 192 -4.02 -2.31 -3.16
N GLY A 193 -4.11 -1.12 -3.73
CA GLY A 193 -4.86 -0.89 -4.95
C GLY A 193 -4.08 0.01 -5.89
N GLY A 194 -2.83 0.32 -5.50
CA GLY A 194 -1.98 1.19 -6.31
C GLY A 194 -1.28 2.30 -5.54
N ALA A 195 -1.35 2.25 -4.22
CA ALA A 195 -0.77 3.29 -3.36
C ALA A 195 0.72 3.62 -3.54
N ILE A 196 1.48 2.72 -4.16
CA ILE A 196 2.91 2.99 -4.40
C ILE A 196 3.07 3.59 -5.79
N ARG A 197 2.38 3.00 -6.76
CA ARG A 197 2.47 3.43 -8.14
C ARG A 197 1.75 4.76 -8.47
N ILE A 198 0.56 4.93 -7.90
CA ILE A 198 -0.23 6.13 -8.15
C ILE A 198 0.45 7.44 -7.72
N PRO A 199 0.82 7.59 -6.43
CA PRO A 199 1.46 8.85 -6.06
C PRO A 199 2.77 9.08 -6.81
N ALA A 200 3.51 8.00 -7.07
CA ALA A 200 4.77 8.14 -7.80
C ALA A 200 4.47 8.75 -9.18
N ALA A 201 3.49 8.16 -9.87
CA ALA A 201 3.10 8.64 -11.19
C ALA A 201 2.71 10.13 -11.14
N PHE A 202 1.85 10.48 -10.18
CA PHE A 202 1.40 11.86 -10.01
C PHE A 202 2.51 12.84 -9.70
N CYS A 203 3.49 12.42 -8.90
CA CYS A 203 4.59 13.29 -8.51
C CYS A 203 5.83 13.18 -9.39
N GLY A 204 5.75 12.39 -10.46
CA GLY A 204 6.88 12.24 -11.36
C GLY A 204 8.08 11.48 -10.81
N VAL A 205 7.85 10.50 -9.95
CA VAL A 205 8.94 9.72 -9.40
C VAL A 205 8.71 8.24 -9.72
N VAL A 206 9.62 7.39 -9.27
CA VAL A 206 9.52 5.96 -9.54
C VAL A 206 8.86 5.23 -8.38
N GLY A 207 7.95 4.32 -8.70
CA GLY A 207 7.25 3.57 -7.67
C GLY A 207 7.15 2.10 -8.04
N HIS A 208 7.65 1.23 -7.17
CA HIS A 208 7.62 -0.19 -7.45
C HIS A 208 6.82 -1.04 -6.47
N LYS A 209 5.75 -1.67 -6.96
CA LYS A 209 4.99 -2.60 -6.11
C LYS A 209 5.63 -3.92 -6.50
N PRO A 210 6.49 -4.46 -5.64
CA PRO A 210 7.18 -5.72 -5.91
C PRO A 210 6.22 -6.90 -5.98
N THR A 211 6.75 -8.04 -6.39
CA THR A 211 5.96 -9.25 -6.47
C THR A 211 5.38 -9.46 -5.06
N PHE A 212 4.12 -9.86 -4.99
CA PHE A 212 3.46 -10.10 -3.71
C PHE A 212 4.26 -11.11 -2.91
N GLY A 213 4.53 -10.78 -1.64
CA GLY A 213 5.27 -11.69 -0.79
C GLY A 213 6.79 -11.54 -0.80
N LEU A 214 7.31 -10.78 -1.73
CA LEU A 214 8.76 -10.59 -1.83
C LEU A 214 9.26 -9.78 -0.65
N VAL A 215 8.64 -8.62 -0.43
CA VAL A 215 9.02 -7.75 0.68
C VAL A 215 8.10 -8.05 1.87
N PRO A 216 8.68 -8.34 3.04
CA PRO A 216 7.83 -8.64 4.19
C PRO A 216 6.95 -7.45 4.58
N TYR A 217 5.69 -7.74 4.87
CA TYR A 217 4.74 -6.70 5.25
C TYR A 217 4.81 -6.46 6.76
N THR A 218 5.47 -7.37 7.46
CA THR A 218 5.61 -7.32 8.92
C THR A 218 5.81 -5.91 9.49
N GLY A 219 4.85 -5.46 10.29
CA GLY A 219 4.96 -4.15 10.90
C GLY A 219 4.12 -3.05 10.28
N ALA A 220 3.59 -3.30 9.09
CA ALA A 220 2.75 -2.31 8.40
C ALA A 220 1.29 -2.62 8.70
N PHE A 221 0.46 -1.58 8.80
CA PHE A 221 -0.95 -1.76 9.10
C PHE A 221 -1.63 -2.46 7.91
N PRO A 222 -2.18 -3.66 8.14
CA PRO A 222 -2.83 -4.41 7.06
C PRO A 222 -4.16 -3.81 6.63
N ILE A 223 -4.61 -4.18 5.44
CA ILE A 223 -5.90 -3.75 4.93
C ILE A 223 -6.64 -5.04 4.59
N GLU A 224 -6.06 -5.83 3.69
CA GLU A 224 -6.59 -7.12 3.26
C GLU A 224 -5.36 -7.94 2.94
N ARG A 225 -5.10 -8.93 3.80
CA ARG A 225 -3.92 -9.77 3.71
C ARG A 225 -3.40 -10.17 2.32
N THR A 226 -4.30 -10.60 1.43
CA THR A 226 -3.87 -11.06 0.10
C THR A 226 -3.49 -9.98 -0.91
N ILE A 227 -3.66 -8.72 -0.55
CA ILE A 227 -3.32 -7.64 -1.46
C ILE A 227 -2.38 -6.60 -0.83
N ASP A 228 -1.92 -6.86 0.39
CA ASP A 228 -1.02 -5.93 1.08
C ASP A 228 0.39 -5.99 0.49
N HIS A 229 0.96 -4.84 0.16
CA HIS A 229 2.31 -4.80 -0.39
C HIS A 229 3.07 -3.60 0.17
N LEU A 230 4.36 -3.79 0.41
CA LEU A 230 5.24 -2.70 0.84
C LEU A 230 6.27 -2.63 -0.29
N GLY A 231 6.74 -1.43 -0.62
CA GLY A 231 7.71 -1.30 -1.69
C GLY A 231 8.42 0.04 -1.69
N PRO A 232 9.40 0.23 -2.58
CA PRO A 232 10.14 1.50 -2.63
C PRO A 232 9.59 2.55 -3.56
N ILE A 233 9.77 3.81 -3.17
CA ILE A 233 9.36 4.96 -3.98
C ILE A 233 10.66 5.74 -4.05
N THR A 234 11.17 5.93 -5.25
CA THR A 234 12.45 6.61 -5.43
C THR A 234 12.46 7.60 -6.56
N ARG A 235 13.57 8.31 -6.69
CA ARG A 235 13.73 9.31 -7.74
C ARG A 235 14.14 8.62 -9.05
N THR A 236 14.83 7.48 -8.94
CA THR A 236 15.29 6.78 -10.12
C THR A 236 15.09 5.27 -10.03
N VAL A 237 15.06 4.61 -11.18
CA VAL A 237 14.89 3.16 -11.23
C VAL A 237 16.04 2.47 -10.51
N HIS A 238 17.25 2.99 -10.67
CA HIS A 238 18.40 2.39 -10.01
C HIS A 238 18.24 2.37 -8.49
N ASP A 239 17.81 3.50 -7.94
CA ASP A 239 17.61 3.57 -6.50
C ASP A 239 16.51 2.62 -6.06
N ALA A 240 15.47 2.49 -6.88
CA ALA A 240 14.36 1.61 -6.54
C ALA A 240 14.89 0.19 -6.44
N ALA A 241 15.77 -0.18 -7.38
CA ALA A 241 16.36 -1.51 -7.40
C ALA A 241 17.30 -1.70 -6.21
N LEU A 242 17.99 -0.64 -5.83
CA LEU A 242 18.92 -0.72 -4.72
C LEU A 242 18.11 -0.95 -3.43
N MET A 243 17.04 -0.19 -3.25
CA MET A 243 16.20 -0.34 -2.07
C MET A 243 15.64 -1.74 -2.02
N LEU A 244 15.15 -2.24 -3.16
CA LEU A 244 14.57 -3.56 -3.20
C LEU A 244 15.59 -4.59 -2.75
N SER A 245 16.85 -4.43 -3.15
CA SER A 245 17.89 -5.39 -2.77
C SER A 245 18.10 -5.40 -1.26
N VAL A 246 17.74 -4.31 -0.59
CA VAL A 246 17.90 -4.25 0.86
C VAL A 246 16.67 -4.76 1.62
N ILE A 247 15.47 -4.48 1.11
CA ILE A 247 14.27 -4.89 1.82
C ILE A 247 13.65 -6.25 1.46
N ALA A 248 13.94 -6.75 0.26
CA ALA A 248 13.37 -8.02 -0.17
C ALA A 248 13.85 -9.21 0.65
N GLY A 249 13.02 -10.25 0.72
CA GLY A 249 13.40 -11.44 1.44
C GLY A 249 12.53 -11.82 2.62
N ARG A 250 12.34 -13.13 2.79
CA ARG A 250 11.52 -13.65 3.90
C ARG A 250 12.07 -13.20 5.25
N ASP A 251 11.17 -13.01 6.21
CA ASP A 251 11.58 -12.63 7.55
C ASP A 251 11.02 -13.63 8.58
N GLY A 252 10.26 -14.60 8.09
CA GLY A 252 9.69 -15.61 8.97
C GLY A 252 8.56 -15.14 9.87
N ASN A 253 8.04 -13.94 9.61
CA ASN A 253 6.97 -13.37 10.43
C ASN A 253 5.73 -13.00 9.62
N ASP A 254 5.86 -13.02 8.29
CA ASP A 254 4.79 -12.63 7.38
C ASP A 254 4.16 -13.81 6.65
N PRO A 255 2.94 -14.19 7.03
CA PRO A 255 2.23 -15.31 6.41
C PRO A 255 2.05 -15.16 4.88
N ARG A 256 2.18 -13.94 4.38
CA ARG A 256 2.04 -13.69 2.95
C ARG A 256 3.19 -14.28 2.14
N GLN A 257 4.35 -14.43 2.79
CA GLN A 257 5.54 -14.94 2.12
C GLN A 257 5.66 -16.44 2.08
N ALA A 258 5.70 -17.00 0.88
CA ALA A 258 5.82 -18.45 0.71
C ALA A 258 7.24 -18.91 1.05
N ASP A 259 7.36 -20.17 1.44
CA ASP A 259 8.65 -20.78 1.78
C ASP A 259 9.69 -20.59 0.69
N SER A 260 9.25 -20.61 -0.56
CA SER A 260 10.16 -20.50 -1.69
C SER A 260 10.64 -19.09 -2.03
N VAL A 261 10.10 -18.08 -1.37
CA VAL A 261 10.52 -16.70 -1.66
C VAL A 261 11.99 -16.47 -1.38
N GLU A 262 12.66 -15.87 -2.36
CA GLU A 262 14.08 -15.55 -2.25
C GLU A 262 14.33 -14.23 -2.95
N ALA A 263 15.24 -13.42 -2.41
CA ALA A 263 15.55 -12.15 -3.04
C ALA A 263 16.30 -12.43 -4.34
N GLY A 264 15.94 -11.71 -5.39
CA GLY A 264 16.61 -11.89 -6.66
C GLY A 264 17.76 -10.91 -6.76
N ASP A 265 18.34 -10.79 -7.95
CA ASP A 265 19.45 -9.88 -8.20
C ASP A 265 18.90 -8.77 -9.07
N TYR A 266 18.62 -7.62 -8.47
CA TYR A 266 18.05 -6.50 -9.20
C TYR A 266 19.07 -5.49 -9.69
N LEU A 267 20.35 -5.76 -9.43
CA LEU A 267 21.39 -4.81 -9.81
C LEU A 267 22.37 -5.26 -10.90
N SER A 268 22.79 -6.53 -10.85
CA SER A 268 23.75 -7.05 -11.82
C SER A 268 23.42 -6.79 -13.28
N THR A 269 22.18 -7.06 -13.67
CA THR A 269 21.76 -6.86 -15.04
C THR A 269 20.82 -5.67 -15.23
N LEU A 270 20.84 -4.75 -14.28
CA LEU A 270 19.97 -3.58 -14.37
C LEU A 270 20.24 -2.74 -15.63
N ASP A 271 21.50 -2.65 -16.03
CA ASP A 271 21.88 -1.86 -17.20
C ASP A 271 22.15 -2.67 -18.48
N SER A 272 21.85 -3.97 -18.44
CA SER A 272 22.07 -4.82 -19.61
C SER A 272 21.16 -4.35 -20.75
N ASP A 273 21.56 -4.60 -21.99
CA ASP A 273 20.74 -4.18 -23.11
C ASP A 273 19.44 -4.97 -23.15
N VAL A 274 18.38 -4.33 -23.62
CA VAL A 274 17.07 -4.96 -23.69
C VAL A 274 16.74 -5.33 -25.13
N ASP A 275 17.79 -5.50 -25.93
CA ASP A 275 17.63 -5.85 -27.34
C ASP A 275 16.95 -7.21 -27.45
N GLY A 276 15.81 -7.24 -28.14
CA GLY A 276 15.10 -8.49 -28.30
C GLY A 276 13.98 -8.74 -27.31
N LEU A 277 13.87 -7.88 -26.28
CA LEU A 277 12.79 -8.06 -25.31
C LEU A 277 11.44 -7.69 -25.92
N ARG A 278 10.44 -8.53 -25.65
CA ARG A 278 9.11 -8.30 -26.15
C ARG A 278 8.29 -7.50 -25.15
N ILE A 279 7.76 -6.37 -25.61
CA ILE A 279 6.98 -5.50 -24.77
C ILE A 279 5.53 -5.53 -25.25
N GLY A 280 4.62 -5.90 -24.35
CA GLY A 280 3.22 -5.97 -24.72
C GLY A 280 2.38 -4.80 -24.25
N ILE A 281 1.83 -4.04 -25.19
CA ILE A 281 0.98 -2.91 -24.84
C ILE A 281 -0.43 -3.45 -24.65
N VAL A 282 -0.90 -3.46 -23.41
CA VAL A 282 -2.21 -3.97 -23.07
C VAL A 282 -3.28 -2.97 -23.50
N ARG A 283 -4.05 -3.34 -24.51
CA ARG A 283 -5.10 -2.49 -25.05
C ARG A 283 -6.11 -2.03 -24.01
N GLU A 284 -6.59 -2.96 -23.19
CA GLU A 284 -7.58 -2.62 -22.18
C GLU A 284 -7.05 -1.63 -21.15
N GLY A 285 -5.76 -1.32 -21.26
CA GLY A 285 -5.18 -0.37 -20.33
C GLY A 285 -5.31 1.04 -20.86
N PHE A 286 -5.89 1.19 -22.04
CA PHE A 286 -6.05 2.51 -22.64
C PHE A 286 -7.52 2.79 -23.02
N GLY A 287 -7.82 4.08 -23.22
CA GLY A 287 -9.15 4.47 -23.63
C GLY A 287 -10.34 4.15 -22.72
N HIS A 288 -10.17 4.31 -21.42
CA HIS A 288 -11.27 4.05 -20.50
C HIS A 288 -12.25 5.22 -20.60
N ALA A 289 -13.52 4.98 -20.27
CA ALA A 289 -14.52 6.04 -20.34
C ALA A 289 -14.05 7.24 -19.51
N VAL A 290 -13.49 6.96 -18.34
CA VAL A 290 -12.99 8.00 -17.47
C VAL A 290 -11.49 8.10 -17.68
N SER A 291 -11.06 9.09 -18.45
CA SER A 291 -9.65 9.25 -18.74
C SER A 291 -9.33 10.47 -19.60
N GLN A 292 -8.04 10.80 -19.69
CA GLN A 292 -7.56 11.92 -20.47
C GLN A 292 -6.70 11.36 -21.60
N PRO A 293 -7.24 11.34 -22.84
CA PRO A 293 -6.54 10.83 -24.00
C PRO A 293 -5.10 11.33 -24.17
N GLU A 294 -4.84 12.60 -23.84
CA GLU A 294 -3.49 13.11 -23.96
C GLU A 294 -2.54 12.22 -23.16
N VAL A 295 -2.98 11.81 -21.98
CA VAL A 295 -2.17 10.96 -21.11
C VAL A 295 -1.92 9.60 -21.77
N ASP A 296 -2.98 8.95 -22.22
CA ASP A 296 -2.85 7.64 -22.83
C ASP A 296 -1.93 7.65 -24.06
N ASP A 297 -2.04 8.69 -24.87
CA ASP A 297 -1.20 8.80 -26.07
C ASP A 297 0.27 9.00 -25.72
N ALA A 298 0.54 9.82 -24.71
CA ALA A 298 1.91 10.09 -24.29
C ALA A 298 2.57 8.79 -23.88
N VAL A 299 1.86 8.00 -23.07
CA VAL A 299 2.38 6.73 -22.59
C VAL A 299 2.46 5.74 -23.74
N ARG A 300 1.47 5.78 -24.63
CA ARG A 300 1.44 4.88 -25.78
C ARG A 300 2.67 5.14 -26.66
N ALA A 301 2.96 6.42 -26.90
CA ALA A 301 4.11 6.81 -27.71
C ALA A 301 5.38 6.35 -26.98
N ALA A 302 5.43 6.61 -25.68
CA ALA A 302 6.58 6.20 -24.88
C ALA A 302 6.85 4.70 -24.99
N ALA A 303 5.79 3.89 -24.95
CA ALA A 303 5.95 2.45 -25.06
C ALA A 303 6.55 2.04 -26.40
N HIS A 304 6.10 2.65 -27.48
CA HIS A 304 6.61 2.31 -28.81
C HIS A 304 8.06 2.74 -29.04
N SER A 305 8.47 3.84 -28.42
CA SER A 305 9.83 4.33 -28.59
C SER A 305 10.87 3.30 -28.18
N LEU A 306 10.47 2.32 -27.39
CA LEU A 306 11.40 1.29 -26.94
C LEU A 306 11.96 0.47 -28.10
N THR A 307 11.38 0.62 -29.29
CA THR A 307 11.88 -0.11 -30.46
C THR A 307 13.22 0.52 -30.80
N GLU A 308 13.37 1.78 -30.42
CA GLU A 308 14.60 2.52 -30.68
C GLU A 308 15.81 1.87 -30.01
N ILE A 309 15.57 0.96 -29.06
CA ILE A 309 16.68 0.29 -28.41
C ILE A 309 16.61 -1.23 -28.57
N GLY A 310 16.00 -1.69 -29.66
CA GLY A 310 15.93 -3.11 -29.94
C GLY A 310 14.78 -3.93 -29.39
N CYS A 311 13.80 -3.27 -28.78
CA CYS A 311 12.64 -3.97 -28.23
C CYS A 311 11.58 -4.14 -29.32
N THR A 312 10.90 -5.28 -29.32
CA THR A 312 9.82 -5.51 -30.28
C THR A 312 8.58 -5.11 -29.47
N VAL A 313 7.81 -4.16 -29.99
CA VAL A 313 6.62 -3.69 -29.29
C VAL A 313 5.33 -3.96 -30.07
N GLU A 314 4.43 -4.72 -29.45
CA GLU A 314 3.15 -5.03 -30.08
C GLU A 314 2.01 -4.92 -29.07
N GLU A 315 0.82 -4.63 -29.56
CA GLU A 315 -0.35 -4.53 -28.70
C GLU A 315 -0.88 -5.93 -28.48
N VAL A 316 -1.53 -6.14 -27.34
CA VAL A 316 -2.11 -7.43 -27.02
C VAL A 316 -3.40 -7.21 -26.23
N ASN A 317 -4.36 -8.10 -26.42
CA ASN A 317 -5.63 -8.01 -25.73
C ASN A 317 -5.66 -8.90 -24.50
N ILE A 318 -6.06 -8.33 -23.37
CA ILE A 318 -6.19 -9.08 -22.13
C ILE A 318 -7.52 -8.63 -21.54
N PRO A 319 -8.64 -9.20 -22.03
CA PRO A 319 -9.97 -8.83 -21.55
C PRO A 319 -10.09 -8.97 -20.04
N TRP A 320 -9.41 -9.95 -19.46
CA TRP A 320 -9.51 -10.14 -18.03
C TRP A 320 -8.90 -9.00 -17.23
N HIS A 321 -8.28 -8.05 -17.92
CA HIS A 321 -7.69 -6.92 -17.22
C HIS A 321 -8.83 -6.09 -16.60
N LEU A 322 -9.94 -5.97 -17.32
CA LEU A 322 -11.08 -5.20 -16.81
C LEU A 322 -11.81 -6.03 -15.75
N HIS A 323 -11.86 -7.34 -15.94
CA HIS A 323 -12.52 -8.21 -14.95
C HIS A 323 -11.77 -8.18 -13.62
N ALA A 324 -10.44 -8.21 -13.70
CA ALA A 324 -9.60 -8.22 -12.51
C ALA A 324 -9.92 -7.06 -11.58
N PHE A 325 -10.29 -5.91 -12.14
CA PHE A 325 -10.62 -4.77 -11.30
C PHE A 325 -11.79 -5.08 -10.38
N HIS A 326 -12.84 -5.67 -10.93
CA HIS A 326 -14.02 -6.00 -10.13
C HIS A 326 -13.76 -7.10 -9.12
N ILE A 327 -12.88 -8.03 -9.48
CA ILE A 327 -12.52 -9.12 -8.58
C ILE A 327 -11.76 -8.51 -7.40
N TRP A 328 -10.88 -7.56 -7.70
CA TRP A 328 -10.11 -6.87 -6.66
C TRP A 328 -11.07 -6.15 -5.74
N ASN A 329 -11.98 -5.39 -6.34
CA ASN A 329 -12.94 -4.59 -5.58
C ASN A 329 -13.72 -5.42 -4.56
N VAL A 330 -14.12 -6.63 -4.93
CA VAL A 330 -14.86 -7.45 -3.99
C VAL A 330 -13.93 -7.89 -2.85
N ILE A 331 -12.75 -8.38 -3.22
CA ILE A 331 -11.81 -8.82 -2.22
C ILE A 331 -11.43 -7.69 -1.27
N ALA A 332 -11.20 -6.49 -1.83
CA ALA A 332 -10.83 -5.34 -1.02
C ALA A 332 -12.00 -4.82 -0.16
N THR A 333 -13.22 -4.93 -0.66
CA THR A 333 -14.38 -4.44 0.05
C THR A 333 -14.85 -5.40 1.13
N ASP A 334 -15.14 -6.64 0.76
CA ASP A 334 -15.55 -7.63 1.76
C ASP A 334 -14.37 -7.91 2.71
N GLY A 335 -13.22 -8.19 2.11
CA GLY A 335 -12.02 -8.48 2.88
C GLY A 335 -11.55 -7.35 3.78
N GLY A 336 -11.59 -6.13 3.25
CA GLY A 336 -11.16 -4.99 4.03
C GLY A 336 -12.02 -4.73 5.26
N ALA A 337 -13.34 -4.81 5.11
CA ALA A 337 -14.23 -4.59 6.25
C ALA A 337 -14.06 -5.71 7.26
N TYR A 338 -13.94 -6.94 6.75
CA TYR A 338 -13.79 -8.10 7.62
C TYR A 338 -12.49 -8.06 8.41
N GLN A 339 -11.38 -7.79 7.73
CA GLN A 339 -10.07 -7.77 8.37
C GLN A 339 -9.66 -6.42 8.95
N MET A 340 -9.47 -5.42 8.10
CA MET A 340 -9.04 -4.11 8.58
C MET A 340 -9.93 -3.51 9.67
N LEU A 341 -11.25 -3.64 9.53
CA LEU A 341 -12.15 -3.09 10.54
C LEU A 341 -12.53 -4.09 11.64
N ASP A 342 -13.35 -5.08 11.33
CA ASP A 342 -13.75 -6.05 12.34
C ASP A 342 -12.55 -6.80 12.94
N GLY A 343 -11.49 -6.97 12.16
CA GLY A 343 -10.33 -7.68 12.65
C GLY A 343 -9.27 -6.74 13.21
N ASN A 344 -9.61 -5.45 13.25
CA ASN A 344 -8.69 -4.43 13.75
C ASN A 344 -7.30 -4.52 13.15
N GLY A 345 -7.23 -4.43 11.82
CA GLY A 345 -5.95 -4.47 11.12
C GLY A 345 -5.38 -5.86 10.85
N TYR A 346 -4.87 -6.50 11.90
CA TYR A 346 -4.28 -7.82 11.76
C TYR A 346 -5.25 -8.96 11.52
N GLY A 347 -6.49 -8.81 11.98
CA GLY A 347 -7.45 -9.88 11.80
C GLY A 347 -6.99 -11.12 12.53
N MET A 348 -7.38 -12.29 12.01
CA MET A 348 -7.00 -13.55 12.64
C MET A 348 -6.85 -14.68 11.62
N ASN A 349 -6.64 -15.88 12.13
CA ASN A 349 -6.51 -17.09 11.33
C ASN A 349 -5.29 -17.10 10.40
N ALA A 350 -4.17 -16.56 10.86
CA ALA A 350 -2.96 -16.58 10.05
C ALA A 350 -1.76 -16.58 10.97
N GLU A 351 -0.77 -17.41 10.66
CA GLU A 351 0.45 -17.53 11.46
C GLU A 351 1.29 -16.26 11.29
N GLY A 352 2.11 -15.92 12.28
CA GLY A 352 2.93 -14.74 12.13
C GLY A 352 3.07 -13.84 13.34
N LEU A 353 3.74 -12.72 13.15
CA LEU A 353 3.98 -11.74 14.20
C LEU A 353 2.84 -10.72 14.21
N TYR A 354 2.12 -10.65 15.33
CA TYR A 354 1.02 -9.70 15.46
C TYR A 354 1.43 -8.51 16.32
N ASP A 355 0.61 -7.47 16.28
CA ASP A 355 0.85 -6.26 17.08
C ASP A 355 -0.39 -6.05 17.95
N PRO A 356 -0.53 -6.85 19.01
CA PRO A 356 -1.68 -6.74 19.93
C PRO A 356 -1.86 -5.35 20.54
N GLU A 357 -0.76 -4.62 20.74
CA GLU A 357 -0.86 -3.28 21.29
C GLU A 357 -1.60 -2.41 20.29
N LEU A 358 -1.20 -2.51 19.01
CA LEU A 358 -1.84 -1.73 17.98
C LEU A 358 -3.29 -2.15 17.78
N MET A 359 -3.54 -3.45 17.84
CA MET A 359 -4.90 -3.93 17.66
C MET A 359 -5.84 -3.35 18.74
N ALA A 360 -5.37 -3.34 19.98
CA ALA A 360 -6.17 -2.82 21.08
C ALA A 360 -6.44 -1.33 20.90
N HIS A 361 -5.37 -0.59 20.62
CA HIS A 361 -5.46 0.85 20.40
C HIS A 361 -6.45 1.19 19.29
N PHE A 362 -6.27 0.55 18.14
CA PHE A 362 -7.15 0.78 17.00
C PHE A 362 -8.60 0.41 17.35
N ALA A 363 -8.79 -0.71 18.02
CA ALA A 363 -10.12 -1.16 18.39
C ALA A 363 -10.93 -0.09 19.15
N SER A 364 -10.33 0.51 20.18
CA SER A 364 -11.03 1.54 20.95
C SER A 364 -11.22 2.84 20.18
N ARG A 365 -10.15 3.31 19.55
CA ARG A 365 -10.22 4.56 18.81
C ARG A 365 -11.19 4.59 17.63
N ARG A 366 -11.23 3.52 16.83
CA ARG A 366 -12.10 3.52 15.67
C ARG A 366 -13.60 3.52 15.97
N ILE A 367 -13.99 3.09 17.16
CA ILE A 367 -15.42 3.09 17.49
C ILE A 367 -15.81 4.44 18.10
N GLN A 368 -14.83 5.19 18.57
CA GLN A 368 -15.07 6.50 19.16
C GLN A 368 -14.86 7.61 18.13
N HIS A 369 -14.27 7.26 16.98
CA HIS A 369 -14.00 8.24 15.94
C HIS A 369 -14.39 7.76 14.56
N ALA A 370 -15.29 6.78 14.51
CA ALA A 370 -15.74 6.23 13.23
C ALA A 370 -16.25 7.31 12.29
N ASP A 371 -16.97 8.28 12.84
CA ASP A 371 -17.52 9.36 12.04
C ASP A 371 -16.43 10.15 11.34
N ALA A 372 -15.21 10.09 11.86
CA ALA A 372 -14.11 10.82 11.26
C ALA A 372 -13.48 10.05 10.09
N LEU A 373 -13.79 8.76 9.98
CA LEU A 373 -13.26 7.95 8.89
C LEU A 373 -13.60 8.54 7.52
N SER A 374 -12.68 8.39 6.57
CA SER A 374 -12.88 8.92 5.22
C SER A 374 -14.13 8.31 4.56
N GLU A 375 -14.69 9.02 3.59
CA GLU A 375 -15.89 8.54 2.92
C GLU A 375 -15.67 7.22 2.18
N THR A 376 -14.45 7.00 1.71
CA THR A 376 -14.14 5.76 0.99
C THR A 376 -14.11 4.58 1.96
N VAL A 377 -13.58 4.82 3.15
CA VAL A 377 -13.50 3.78 4.17
C VAL A 377 -14.93 3.43 4.60
N LYS A 378 -15.77 4.46 4.73
CA LYS A 378 -17.15 4.25 5.13
C LYS A 378 -17.89 3.43 4.08
N LEU A 379 -17.56 3.68 2.81
CA LEU A 379 -18.18 2.92 1.74
C LEU A 379 -17.77 1.44 1.91
N VAL A 380 -16.48 1.21 2.12
CA VAL A 380 -15.99 -0.15 2.32
C VAL A 380 -16.71 -0.79 3.48
N ALA A 381 -16.83 -0.03 4.57
CA ALA A 381 -17.49 -0.52 5.78
C ALA A 381 -18.94 -0.94 5.55
N LEU A 382 -19.74 -0.05 4.98
CA LEU A 382 -21.15 -0.35 4.74
C LEU A 382 -21.39 -1.50 3.77
N THR A 383 -20.79 -1.44 2.57
CA THR A 383 -21.00 -2.52 1.62
C THR A 383 -20.31 -3.83 1.99
N GLY A 384 -19.14 -3.76 2.61
CA GLY A 384 -18.46 -4.97 3.02
C GLY A 384 -19.25 -5.68 4.12
N HIS A 385 -19.82 -4.91 5.04
CA HIS A 385 -20.59 -5.50 6.13
C HIS A 385 -21.77 -6.25 5.53
N HIS A 386 -22.30 -5.72 4.44
CA HIS A 386 -23.43 -6.33 3.73
C HIS A 386 -22.93 -7.63 3.10
N GLY A 387 -21.71 -7.60 2.58
CA GLY A 387 -21.14 -8.79 1.96
C GLY A 387 -20.85 -9.88 2.97
N ILE A 388 -20.35 -9.48 4.13
CA ILE A 388 -20.01 -10.39 5.21
C ILE A 388 -21.21 -11.06 5.86
N THR A 389 -22.24 -10.26 6.14
CA THR A 389 -23.44 -10.75 6.80
C THR A 389 -24.51 -11.27 5.84
N THR A 390 -25.31 -10.36 5.31
CA THR A 390 -26.39 -10.73 4.39
C THR A 390 -25.95 -11.62 3.23
N LEU A 391 -24.82 -11.29 2.61
CA LEU A 391 -24.31 -12.09 1.50
C LEU A 391 -23.58 -13.37 1.95
N GLY A 392 -23.33 -13.49 3.25
CA GLY A 392 -22.68 -14.68 3.77
C GLY A 392 -21.24 -14.88 3.32
N GLY A 393 -20.61 -13.83 2.82
CA GLY A 393 -19.23 -13.92 2.35
C GLY A 393 -19.08 -14.63 1.02
N ALA A 394 -20.20 -15.04 0.44
CA ALA A 394 -20.20 -15.76 -0.83
C ALA A 394 -19.51 -15.01 -1.98
N SER A 395 -19.74 -13.70 -2.06
CA SER A 395 -19.11 -12.91 -3.12
C SER A 395 -17.60 -12.92 -2.99
N TYR A 396 -17.12 -12.82 -1.75
CA TYR A 396 -15.69 -12.86 -1.49
C TYR A 396 -15.17 -14.21 -1.97
N GLY A 397 -15.88 -15.27 -1.60
CA GLY A 397 -15.50 -16.62 -2.02
C GLY A 397 -15.46 -16.76 -3.54
N LYS A 398 -16.49 -16.24 -4.21
CA LYS A 398 -16.55 -16.30 -5.66
C LYS A 398 -15.38 -15.54 -6.26
N ALA A 399 -15.10 -14.35 -5.72
CA ALA A 399 -13.99 -13.55 -6.24
C ALA A 399 -12.69 -14.33 -6.08
N ARG A 400 -12.51 -14.96 -4.92
CA ARG A 400 -11.29 -15.74 -4.69
C ARG A 400 -11.16 -16.87 -5.71
N ASN A 401 -12.27 -17.51 -6.04
CA ASN A 401 -12.22 -18.62 -6.97
C ASN A 401 -11.94 -18.18 -8.41
N LEU A 402 -12.01 -16.87 -8.64
CA LEU A 402 -11.76 -16.31 -9.96
C LEU A 402 -10.34 -15.76 -10.11
N VAL A 403 -9.69 -15.49 -8.97
CA VAL A 403 -8.33 -14.95 -8.99
C VAL A 403 -7.36 -15.73 -9.88
N PRO A 404 -7.32 -17.07 -9.75
CA PRO A 404 -6.41 -17.88 -10.58
C PRO A 404 -6.61 -17.60 -12.07
N LEU A 405 -7.88 -17.49 -12.48
CA LEU A 405 -8.16 -17.20 -13.89
C LEU A 405 -7.58 -15.84 -14.27
N ALA A 406 -7.70 -14.87 -13.38
CA ALA A 406 -7.15 -13.54 -13.65
C ALA A 406 -5.64 -13.64 -13.77
N ARG A 407 -5.02 -14.38 -12.85
CA ARG A 407 -3.57 -14.54 -12.87
C ARG A 407 -3.15 -15.22 -14.16
N ALA A 408 -3.84 -16.30 -14.51
CA ALA A 408 -3.53 -17.05 -15.72
C ALA A 408 -3.68 -16.18 -16.96
N ALA A 409 -4.63 -15.24 -16.95
CA ALA A 409 -4.84 -14.37 -18.11
C ALA A 409 -3.61 -13.53 -18.35
N TYR A 410 -3.03 -13.00 -17.28
CA TYR A 410 -1.84 -12.19 -17.41
C TYR A 410 -0.63 -13.07 -17.75
N ASP A 411 -0.51 -14.22 -17.08
CA ASP A 411 0.62 -15.10 -17.35
C ASP A 411 0.61 -15.59 -18.80
N THR A 412 -0.57 -15.78 -19.39
CA THR A 412 -0.62 -16.20 -20.78
C THR A 412 -0.02 -15.09 -21.64
N ALA A 413 -0.41 -13.84 -21.38
CA ALA A 413 0.14 -12.72 -22.14
C ALA A 413 1.66 -12.69 -21.91
N LEU A 414 2.06 -13.00 -20.68
CA LEU A 414 3.48 -12.99 -20.32
C LEU A 414 4.27 -14.15 -20.93
N ARG A 415 3.61 -15.00 -21.70
CA ARG A 415 4.31 -16.07 -22.38
C ARG A 415 4.65 -15.55 -23.78
N GLN A 416 3.92 -14.53 -24.23
CA GLN A 416 4.15 -13.91 -25.53
C GLN A 416 5.00 -12.66 -25.39
N PHE A 417 4.98 -12.06 -24.20
CA PHE A 417 5.76 -10.86 -23.96
C PHE A 417 6.56 -10.94 -22.66
N ASP A 418 7.67 -10.22 -22.62
CA ASP A 418 8.52 -10.21 -21.44
C ASP A 418 7.88 -9.39 -20.32
N VAL A 419 7.33 -8.24 -20.68
CA VAL A 419 6.64 -7.38 -19.72
C VAL A 419 5.41 -6.76 -20.38
N LEU A 420 4.45 -6.34 -19.56
CA LEU A 420 3.22 -5.73 -20.05
C LEU A 420 3.22 -4.26 -19.63
N VAL A 421 2.86 -3.37 -20.56
CA VAL A 421 2.85 -1.94 -20.26
C VAL A 421 1.53 -1.24 -20.57
N MET A 422 1.25 -0.19 -19.79
CA MET A 422 0.04 0.60 -19.95
C MET A 422 0.24 1.82 -19.05
N PRO A 423 -0.64 2.83 -19.16
CA PRO A 423 -0.51 4.02 -18.33
C PRO A 423 -0.76 3.65 -16.86
N THR A 424 0.01 4.23 -15.96
CA THR A 424 -0.17 3.96 -14.55
C THR A 424 -1.53 4.54 -14.17
N LEU A 425 -1.76 5.78 -14.60
CA LEU A 425 -3.01 6.50 -14.33
C LEU A 425 -3.53 7.12 -15.62
N PRO A 426 -4.86 7.10 -15.81
CA PRO A 426 -5.43 7.68 -17.03
C PRO A 426 -5.53 9.21 -17.03
N TYR A 427 -4.87 9.87 -16.07
CA TYR A 427 -4.89 11.33 -16.04
C TYR A 427 -3.89 11.99 -15.07
N VAL A 428 -3.53 13.23 -15.38
CA VAL A 428 -2.59 14.00 -14.55
C VAL A 428 -3.22 14.47 -13.25
N ALA A 429 -2.38 14.82 -12.28
CA ALA A 429 -2.86 15.29 -10.98
C ALA A 429 -3.86 16.41 -11.16
N SER A 430 -5.04 16.25 -10.57
CA SER A 430 -6.08 17.28 -10.66
C SER A 430 -6.00 18.18 -9.44
N GLU A 431 -6.73 19.29 -9.48
CA GLU A 431 -6.71 20.24 -8.37
C GLU A 431 -7.36 19.63 -7.13
N LEU A 432 -6.87 20.03 -5.95
CA LEU A 432 -7.42 19.51 -4.70
C LEU A 432 -8.85 20.02 -4.52
N PRO A 433 -9.75 19.14 -4.04
CA PRO A 433 -11.15 19.54 -3.83
C PRO A 433 -11.24 20.47 -2.61
N ALA A 434 -12.38 21.12 -2.45
CA ALA A 434 -12.56 22.02 -1.32
C ALA A 434 -13.12 21.22 -0.16
N LYS A 435 -12.74 21.55 1.07
CA LYS A 435 -13.24 20.84 2.25
C LYS A 435 -14.73 21.14 2.40
N ASP A 436 -15.45 20.88 1.31
CA ASP A 436 -16.88 21.11 1.21
C ASP A 436 -17.34 20.10 0.15
N VAL A 437 -16.41 19.25 -0.27
CA VAL A 437 -16.64 18.24 -1.30
C VAL A 437 -17.91 17.41 -1.16
N ASP A 438 -18.36 16.90 -2.31
CA ASP A 438 -19.54 16.07 -2.40
C ASP A 438 -19.12 14.61 -2.14
N ARG A 439 -19.88 13.91 -1.30
CA ARG A 439 -19.57 12.52 -0.97
C ARG A 439 -19.37 11.66 -2.22
N ALA A 440 -20.25 11.85 -3.21
CA ALA A 440 -20.19 11.10 -4.45
C ALA A 440 -18.93 11.48 -5.24
N THR A 441 -18.67 12.78 -5.34
CA THR A 441 -17.50 13.27 -6.06
C THR A 441 -16.25 12.76 -5.35
N PHE A 442 -16.29 12.88 -4.03
CA PHE A 442 -15.20 12.46 -3.15
C PHE A 442 -14.79 11.01 -3.44
N ILE A 443 -15.77 10.14 -3.53
CA ILE A 443 -15.53 8.73 -3.78
C ILE A 443 -15.07 8.41 -5.20
N THR A 444 -15.54 9.19 -6.18
CA THR A 444 -15.14 8.95 -7.56
C THR A 444 -13.76 9.55 -7.85
N LYS A 445 -13.45 10.68 -7.21
CA LYS A 445 -12.16 11.33 -7.41
C LYS A 445 -11.02 10.65 -6.66
N ALA A 446 -11.36 9.78 -5.71
CA ALA A 446 -10.35 9.07 -4.95
C ALA A 446 -10.23 7.60 -5.34
N LEU A 447 -11.20 7.11 -6.11
CA LEU A 447 -11.21 5.71 -6.52
C LEU A 447 -11.33 5.48 -8.03
N GLY A 448 -11.36 6.56 -8.79
CA GLY A 448 -11.49 6.41 -10.24
C GLY A 448 -10.20 6.24 -11.00
N MET A 449 -9.07 6.29 -10.31
CA MET A 449 -7.78 6.16 -10.98
C MET A 449 -7.02 4.88 -10.65
N ILE A 450 -7.71 3.87 -10.12
CA ILE A 450 -7.05 2.63 -9.74
C ILE A 450 -7.35 1.47 -10.68
N ALA A 451 -7.97 1.76 -11.83
CA ALA A 451 -8.35 0.73 -12.80
C ALA A 451 -7.22 -0.14 -13.33
N ASN A 452 -6.06 0.47 -13.60
CA ASN A 452 -4.94 -0.29 -14.11
C ASN A 452 -4.02 -0.85 -13.03
N THR A 453 -3.92 -0.13 -11.92
CA THR A 453 -3.05 -0.56 -10.83
C THR A 453 -3.62 -1.70 -9.97
N ALA A 454 -4.86 -1.54 -9.50
CA ALA A 454 -5.51 -2.52 -8.63
C ALA A 454 -5.47 -3.98 -9.09
N PRO A 455 -5.77 -4.25 -10.37
CA PRO A 455 -5.73 -5.65 -10.81
C PRO A 455 -4.47 -6.40 -10.38
N PHE A 456 -3.32 -5.74 -10.47
CA PHE A 456 -2.06 -6.38 -10.10
C PHE A 456 -1.86 -6.59 -8.60
N ASP A 457 -2.69 -5.93 -7.80
CA ASP A 457 -2.61 -6.13 -6.36
C ASP A 457 -3.22 -7.48 -6.05
N VAL A 458 -4.30 -7.82 -6.74
CA VAL A 458 -4.94 -9.10 -6.46
C VAL A 458 -4.21 -10.28 -7.12
N THR A 459 -3.66 -10.08 -8.31
CA THR A 459 -2.94 -11.18 -8.95
C THR A 459 -1.52 -11.27 -8.36
N GLY A 460 -0.99 -10.14 -7.89
CA GLY A 460 0.33 -10.13 -7.27
C GLY A 460 1.56 -9.85 -8.13
N HIS A 461 1.39 -9.73 -9.44
CA HIS A 461 2.53 -9.47 -10.32
C HIS A 461 3.30 -8.20 -9.94
N PRO A 462 4.64 -8.21 -10.09
CA PRO A 462 5.42 -7.01 -9.76
C PRO A 462 5.02 -5.94 -10.78
N SER A 463 4.78 -4.72 -10.33
CA SER A 463 4.35 -3.65 -11.22
C SER A 463 5.09 -2.36 -10.89
N LEU A 464 5.75 -1.81 -11.90
CA LEU A 464 6.56 -0.59 -11.74
C LEU A 464 6.08 0.64 -12.49
N SER A 465 6.02 1.77 -11.80
CA SER A 465 5.61 3.01 -12.45
C SER A 465 6.83 3.90 -12.64
N VAL A 466 7.09 4.30 -13.89
CA VAL A 466 8.23 5.13 -14.21
C VAL A 466 7.76 6.39 -14.96
N PRO A 467 8.25 7.59 -14.56
CA PRO A 467 7.84 8.81 -15.26
C PRO A 467 8.04 8.69 -16.77
N ALA A 468 7.00 8.95 -17.54
CA ALA A 468 7.07 8.82 -18.99
C ALA A 468 7.03 10.16 -19.72
N GLY A 469 6.82 11.24 -18.98
CA GLY A 469 6.77 12.55 -19.61
C GLY A 469 5.85 13.50 -18.90
N LEU A 470 5.62 14.66 -19.50
CA LEU A 470 4.74 15.67 -18.92
C LEU A 470 3.58 15.94 -19.88
N VAL A 471 2.42 16.18 -19.30
CA VAL A 471 1.22 16.52 -20.08
C VAL A 471 0.67 17.76 -19.40
N ASN A 472 0.72 18.88 -20.11
CA ASN A 472 0.27 20.14 -19.56
C ASN A 472 1.11 20.45 -18.32
N GLY A 473 2.39 20.16 -18.42
CA GLY A 473 3.32 20.42 -17.33
C GLY A 473 3.26 19.45 -16.16
N LEU A 474 2.32 18.50 -16.20
CA LEU A 474 2.19 17.54 -15.12
C LEU A 474 2.67 16.15 -15.51
N PRO A 475 3.32 15.45 -14.57
CA PRO A 475 3.84 14.10 -14.80
C PRO A 475 2.83 13.02 -15.11
N VAL A 476 3.20 12.12 -16.02
CA VAL A 476 2.40 10.97 -16.38
C VAL A 476 3.32 9.78 -16.18
N GLY A 477 2.76 8.60 -15.94
CA GLY A 477 3.61 7.45 -15.72
C GLY A 477 3.33 6.23 -16.57
N MET A 478 4.40 5.51 -16.91
CA MET A 478 4.26 4.28 -17.68
C MET A 478 4.45 3.15 -16.69
N MET A 479 3.53 2.21 -16.67
CA MET A 479 3.60 1.10 -15.74
C MET A 479 4.06 -0.16 -16.45
N ILE A 480 5.14 -0.73 -15.95
CA ILE A 480 5.73 -1.94 -16.50
C ILE A 480 5.45 -3.08 -15.52
N THR A 481 4.74 -4.09 -16.00
CA THR A 481 4.37 -5.23 -15.16
C THR A 481 4.90 -6.53 -15.76
N GLY A 482 5.42 -7.41 -14.91
CA GLY A 482 5.96 -8.67 -15.38
C GLY A 482 5.62 -9.88 -14.53
N ARG A 483 6.30 -10.99 -14.80
CA ARG A 483 6.07 -12.25 -14.10
C ARG A 483 6.41 -12.20 -12.62
N HIS A 484 5.76 -13.09 -11.85
CA HIS A 484 5.99 -13.18 -10.43
C HIS A 484 7.46 -13.43 -10.16
N PHE A 485 8.03 -12.59 -9.31
CA PHE A 485 9.43 -12.68 -8.93
C PHE A 485 10.43 -12.42 -10.04
N ASP A 486 10.00 -11.69 -11.07
CA ASP A 486 10.89 -11.32 -12.15
C ASP A 486 11.01 -9.79 -12.05
N ASP A 487 11.04 -9.31 -10.81
CA ASP A 487 11.16 -7.88 -10.55
C ASP A 487 12.41 -7.34 -11.27
N ALA A 488 13.46 -8.16 -11.34
CA ALA A 488 14.70 -7.76 -11.99
C ALA A 488 14.50 -7.31 -13.43
N THR A 489 13.74 -8.08 -14.20
CA THR A 489 13.50 -7.73 -15.61
C THR A 489 12.60 -6.49 -15.73
N VAL A 490 11.65 -6.36 -14.81
CA VAL A 490 10.75 -5.21 -14.79
C VAL A 490 11.59 -3.96 -14.56
N LEU A 491 12.52 -4.04 -13.60
CA LEU A 491 13.41 -2.92 -13.29
C LEU A 491 14.34 -2.62 -14.47
N ARG A 492 14.91 -3.66 -15.07
CA ARG A 492 15.81 -3.48 -16.21
C ARG A 492 15.11 -2.69 -17.33
N VAL A 493 13.90 -3.08 -17.67
CA VAL A 493 13.16 -2.36 -18.71
C VAL A 493 12.93 -0.91 -18.29
N GLY A 494 12.58 -0.72 -17.03
CA GLY A 494 12.37 0.63 -16.54
C GLY A 494 13.64 1.44 -16.66
N ARG A 495 14.75 0.81 -16.31
CA ARG A 495 16.05 1.46 -16.39
C ARG A 495 16.35 1.81 -17.85
N ALA A 496 16.23 0.82 -18.74
CA ALA A 496 16.48 1.04 -20.16
C ALA A 496 15.62 2.18 -20.69
N PHE A 497 14.37 2.23 -20.25
CA PHE A 497 13.50 3.32 -20.70
C PHE A 497 14.02 4.66 -20.20
N GLU A 498 14.53 4.70 -18.97
CA GLU A 498 15.07 5.94 -18.42
C GLU A 498 16.19 6.50 -19.28
N LYS A 499 17.15 5.64 -19.65
CA LYS A 499 18.28 6.04 -20.47
C LYS A 499 17.79 6.64 -21.79
N LEU A 500 16.85 5.95 -22.43
CA LEU A 500 16.30 6.40 -23.70
C LEU A 500 15.55 7.72 -23.52
N ARG A 501 14.64 7.74 -22.55
CA ARG A 501 13.84 8.92 -22.26
C ARG A 501 14.74 10.10 -21.92
N GLY A 502 15.82 9.83 -21.21
CA GLY A 502 16.72 10.88 -20.81
C GLY A 502 16.30 11.37 -19.43
N ALA A 503 17.11 12.21 -18.82
CA ALA A 503 16.81 12.74 -17.49
C ALA A 503 15.41 13.33 -17.45
N PHE A 504 14.66 12.99 -16.40
CA PHE A 504 13.31 13.52 -16.25
C PHE A 504 13.40 14.74 -15.36
N PRO A 505 12.77 15.85 -15.77
CA PRO A 505 12.79 17.10 -15.00
C PRO A 505 12.32 16.99 -13.56
N THR A 506 12.84 17.89 -12.72
CA THR A 506 12.48 17.95 -11.31
C THR A 506 11.46 19.06 -11.13
N PRO A 507 10.50 18.88 -10.21
CA PRO A 507 9.49 19.92 -10.00
C PRO A 507 10.13 21.23 -9.61
N ALA A 508 11.40 21.16 -9.24
CA ALA A 508 12.17 22.34 -8.84
C ALA A 508 12.93 22.89 -10.05
N GLU A 509 12.87 22.16 -11.16
CA GLU A 509 13.53 22.56 -12.39
C GLU A 509 12.55 23.22 -13.35
#